data_2PEB
#
_entry.id   2PEB
#
_cell.length_a   44.562
_cell.length_b   57.042
_cell.length_c   46.676
_cell.angle_alpha   90.000
_cell.angle_beta   104.810
_cell.angle_gamma   90.000
#
_symmetry.space_group_name_H-M   'P 1 21 1'
#
loop_
_entity.id
_entity.type
_entity.pdbx_description
1 polymer 'putative dioxygenase'
2 non-polymer 'ZINC ION'
3 non-polymer 'UNKNOWN LIGAND'
4 non-polymer 'TETRAETHYLENE GLYCOL'
5 non-polymer 1,2-ETHANEDIOL
6 water water
#
_entity_poly.entity_id   1
_entity_poly.type   'polypeptide(L)'
_entity_poly.pdbx_seq_one_letter_code
;G(MSE)KEDTIEIAGFHAHVYFDAASRDVAARVREGLGARFEVQLGRWFDKPIGPHPKG(MSE)YQVAFLPNQFDKVVPW
L(MSE)LNREGLDILVHPETGDAVSDHAVYSLWLGAALALNIEFLRQLSSTSSN
;
_entity_poly.pdbx_strand_id   A,B
#
# COMPACT_ATOMS: atom_id res chain seq x y z
N LYS A 3 -16.07 6.61 12.46
CA LYS A 3 -14.93 6.34 11.55
C LYS A 3 -14.11 7.61 11.29
N GLU A 4 -12.88 7.41 10.80
CA GLU A 4 -12.01 8.49 10.35
C GLU A 4 -12.38 8.91 8.93
N ASP A 5 -12.52 10.22 8.73
CA ASP A 5 -12.90 10.78 7.42
C ASP A 5 -11.65 10.99 6.54
N THR A 6 -11.67 10.34 5.37
CA THR A 6 -10.54 10.46 4.41
C THR A 6 -10.48 11.86 3.79
N ILE A 7 -11.49 12.70 4.05
CA ILE A 7 -11.36 14.12 3.74
C ILE A 7 -10.15 14.67 4.50
N GLU A 8 -9.88 14.11 5.68
CA GLU A 8 -8.78 14.56 6.47
C GLU A 8 -7.45 14.27 5.80
N ILE A 9 -7.43 13.59 4.65
CA ILE A 9 -6.18 13.32 3.90
C ILE A 9 -5.95 14.43 2.90
N ALA A 10 -4.94 15.24 3.16
CA ALA A 10 -4.60 16.42 2.31
C ALA A 10 -3.69 16.05 1.15
N GLY A 11 -3.09 14.88 1.20
CA GLY A 11 -2.11 14.45 0.25
C GLY A 11 -1.41 13.23 0.68
N PHE A 12 -0.47 12.77 -0.14
CA PHE A 12 0.34 11.60 0.15
C PHE A 12 1.80 11.81 -0.15
N HIS A 13 2.62 11.09 0.59
CA HIS A 13 4.03 10.88 0.23
C HIS A 13 4.28 9.46 -0.09
N ALA A 14 5.06 9.22 -1.12
CA ALA A 14 5.82 7.96 -1.30
C ALA A 14 7.29 8.20 -0.94
N HIS A 15 7.84 7.31 -0.10
CA HIS A 15 9.27 7.25 0.23
C HIS A 15 9.82 5.98 -0.45
N VAL A 16 10.68 6.19 -1.44
CA VAL A 16 11.26 5.10 -2.22
C VAL A 16 12.64 4.85 -1.69
N TYR A 17 12.79 3.71 -1.02
CA TYR A 17 14.04 3.32 -0.41
C TYR A 17 14.97 2.63 -1.41
N PHE A 18 16.26 2.81 -1.18
CA PHE A 18 17.26 2.18 -2.04
C PHE A 18 18.60 2.06 -1.32
N ASP A 19 19.48 1.28 -1.91
CA ASP A 19 20.89 1.27 -1.49
C ASP A 19 21.74 1.39 -2.75
N ALA A 20 23.06 1.38 -2.60
CA ALA A 20 23.98 1.47 -3.76
C ALA A 20 23.60 0.51 -4.88
N ALA A 21 23.30 -0.75 -4.52
CA ALA A 21 22.94 -1.79 -5.50
C ALA A 21 21.71 -1.48 -6.31
N SER A 22 20.73 -0.83 -5.69
CA SER A 22 19.45 -0.56 -6.32
C SER A 22 19.29 0.92 -6.70
N ARG A 23 20.32 1.72 -6.51
CA ARG A 23 20.16 3.17 -6.71
C ARG A 23 19.72 3.51 -8.13
N ASP A 24 20.24 2.76 -9.10
CA ASP A 24 19.91 3.02 -10.49
C ASP A 24 18.48 2.64 -10.83
N VAL A 25 17.98 1.52 -10.32
CA VAL A 25 16.55 1.21 -10.43
C VAL A 25 15.71 2.35 -9.79
N ALA A 26 16.13 2.81 -8.64
CA ALA A 26 15.42 3.89 -7.94
C ALA A 26 15.39 5.14 -8.84
N ALA A 27 16.50 5.40 -9.54
CA ALA A 27 16.59 6.62 -10.40
C ALA A 27 15.60 6.50 -11.55
N ARG A 28 15.49 5.30 -12.09
CA ARG A 28 14.57 5.03 -13.21
CA ARG A 28 14.57 5.05 -13.22
C ARG A 28 13.10 5.14 -12.79
N VAL A 29 12.79 4.66 -11.60
CA VAL A 29 11.45 4.75 -11.05
C VAL A 29 11.14 6.21 -10.85
N ARG A 30 12.14 6.97 -10.39
CA ARG A 30 11.95 8.37 -10.12
CA ARG A 30 12.01 8.39 -10.12
C ARG A 30 11.62 9.15 -11.39
N GLU A 31 12.32 8.84 -12.46
CA GLU A 31 12.08 9.44 -13.77
C GLU A 31 10.70 9.05 -14.31
N GLY A 32 10.32 7.80 -14.12
CA GLY A 32 8.98 7.37 -14.51
C GLY A 32 7.89 8.17 -13.81
N LEU A 33 8.07 8.41 -12.52
CA LEU A 33 7.12 9.20 -11.78
C LEU A 33 7.06 10.65 -12.29
N GLY A 34 8.21 11.29 -12.41
CA GLY A 34 8.26 12.70 -12.81
C GLY A 34 7.79 12.96 -14.24
N ALA A 35 7.80 11.91 -15.04
CA ALA A 35 7.37 11.94 -16.45
C ALA A 35 5.88 11.80 -16.57
N ARG A 36 5.27 11.08 -15.64
CA ARG A 36 3.86 10.66 -15.83
C ARG A 36 2.81 11.36 -14.96
N PHE A 37 3.17 11.74 -13.74
CA PHE A 37 2.17 12.11 -12.74
C PHE A 37 2.43 13.52 -12.22
N GLU A 38 1.40 14.05 -11.55
CA GLU A 38 1.51 15.35 -10.90
C GLU A 38 2.09 15.13 -9.53
N VAL A 39 3.40 15.26 -9.44
CA VAL A 39 4.12 14.99 -8.21
C VAL A 39 5.18 16.06 -7.96
N GLN A 40 5.59 16.17 -6.71
CA GLN A 40 6.68 17.03 -6.27
CA GLN A 40 6.71 17.01 -6.32
C GLN A 40 7.77 16.08 -5.79
N LEU A 41 8.93 16.08 -6.45
CA LEU A 41 9.99 15.20 -6.12
C LEU A 41 10.94 15.91 -5.18
N GLY A 42 11.16 15.30 -4.03
CA GLY A 42 12.06 15.86 -3.04
C GLY A 42 13.48 15.40 -3.25
N ARG A 43 14.34 15.78 -2.30
CA ARG A 43 15.77 15.52 -2.43
CA ARG A 43 15.76 15.51 -2.48
C ARG A 43 16.09 14.03 -2.31
N TRP A 44 17.21 13.66 -2.87
CA TRP A 44 17.71 12.36 -2.82
C TRP A 44 18.57 12.28 -1.53
N PHE A 45 18.25 11.35 -0.65
CA PHE A 45 19.09 11.05 0.52
C PHE A 45 19.78 9.70 0.35
N ASP A 46 21.09 9.70 0.15
CA ASP A 46 21.80 8.43 0.00
C ASP A 46 21.94 7.68 1.32
N LYS A 47 21.87 8.40 2.42
CA LYS A 47 22.02 7.85 3.75
C LYS A 47 20.73 7.97 4.55
N PRO A 48 20.57 7.13 5.57
CA PRO A 48 19.38 7.33 6.40
C PRO A 48 19.28 8.73 7.05
N ILE A 49 18.08 9.26 7.07
CA ILE A 49 17.79 10.56 7.69
C ILE A 49 16.45 10.48 8.38
N GLY A 50 16.36 11.14 9.53
CA GLY A 50 15.12 11.24 10.33
C GLY A 50 14.53 9.90 10.71
N PRO A 51 13.27 9.66 10.32
CA PRO A 51 12.68 8.37 10.66
C PRO A 51 13.18 7.20 9.80
N HIS A 52 13.88 7.52 8.70
CA HIS A 52 14.14 6.55 7.60
C HIS A 52 15.38 5.70 7.82
N PRO A 53 15.22 4.37 7.68
CA PRO A 53 16.34 3.49 7.99
C PRO A 53 17.25 3.12 6.83
N LYS A 54 17.05 3.78 5.69
CA LYS A 54 17.75 3.47 4.47
CA LYS A 54 17.73 3.48 4.43
C LYS A 54 17.70 4.75 3.62
N GLY A 55 18.63 4.91 2.71
CA GLY A 55 18.52 5.98 1.74
C GLY A 55 17.17 5.95 1.03
N TYR A 57 14.24 8.71 -1.45
CA TYR A 57 13.75 9.99 -1.93
C TYR A 57 12.24 10.08 -1.72
N GLN A 58 11.76 11.31 -1.62
CA GLN A 58 10.36 11.59 -1.34
C GLN A 58 9.67 11.99 -2.64
N VAL A 59 8.43 11.55 -2.77
CA VAL A 59 7.55 11.95 -3.83
C VAL A 59 6.24 12.37 -3.16
N ALA A 60 5.83 13.62 -3.34
CA ALA A 60 4.56 14.17 -2.82
C ALA A 60 3.54 14.33 -3.92
N PHE A 61 2.26 14.08 -3.59
CA PHE A 61 1.16 14.31 -4.52
C PHE A 61 -0.12 14.58 -3.79
N LEU A 62 -1.00 15.28 -4.48
CA LEU A 62 -2.38 15.51 -4.00
C LEU A 62 -3.21 14.23 -4.07
N PRO A 63 -4.32 14.17 -3.32
CA PRO A 63 -5.13 12.95 -3.33
C PRO A 63 -5.59 12.47 -4.70
N ASN A 64 -5.82 13.38 -5.65
CA ASN A 64 -6.24 13.01 -7.01
C ASN A 64 -5.19 12.22 -7.86
N GLN A 65 -3.98 12.05 -7.35
CA GLN A 65 -2.98 11.21 -7.97
C GLN A 65 -2.80 9.83 -7.35
N PHE A 66 -3.52 9.54 -6.26
CA PHE A 66 -3.33 8.33 -5.49
C PHE A 66 -3.60 7.13 -6.37
N ASP A 67 -4.65 7.20 -7.17
CA ASP A 67 -5.00 6.05 -8.03
C ASP A 67 -4.23 6.04 -9.36
N LYS A 68 -3.32 6.99 -9.51
CA LYS A 68 -2.39 6.98 -10.63
C LYS A 68 -1.03 6.53 -10.18
N VAL A 69 -0.43 7.26 -9.22
CA VAL A 69 0.88 6.96 -8.71
C VAL A 69 1.03 5.58 -8.07
N VAL A 70 0.10 5.20 -7.24
CA VAL A 70 0.27 4.03 -6.40
C VAL A 70 0.10 2.73 -7.24
N PRO A 71 -0.97 2.66 -8.06
CA PRO A 71 -1.00 1.49 -8.99
C PRO A 71 0.19 1.40 -9.95
N TRP A 72 0.71 2.54 -10.40
CA TRP A 72 1.91 2.52 -11.21
C TRP A 72 3.09 1.91 -10.49
N LEU A 73 3.37 2.35 -9.27
CA LEU A 73 4.43 1.79 -8.45
C LEU A 73 4.20 0.31 -8.11
N LEU A 75 3.13 -1.87 -10.04
CA LEU A 75 3.51 -2.61 -11.18
C LEU A 75 4.97 -2.36 -11.55
N ASN A 76 5.53 -1.21 -11.18
CA ASN A 76 6.80 -0.74 -11.78
C ASN A 76 7.91 -0.44 -10.77
N ARG A 77 7.69 -0.77 -9.51
CA ARG A 77 8.69 -0.54 -8.48
C ARG A 77 9.97 -1.37 -8.61
N GLU A 78 9.97 -2.38 -9.47
CA GLU A 78 11.12 -3.19 -9.72
C GLU A 78 11.84 -3.60 -8.44
N GLY A 79 11.08 -4.11 -7.48
CA GLY A 79 11.64 -4.74 -6.32
C GLY A 79 12.01 -3.78 -5.22
N LEU A 80 11.83 -2.49 -5.43
CA LEU A 80 12.12 -1.49 -4.39
C LEU A 80 11.06 -1.51 -3.29
N ASP A 81 11.48 -1.24 -2.06
CA ASP A 81 10.51 -1.11 -0.98
C ASP A 81 10.07 0.35 -0.92
N ILE A 82 8.77 0.57 -0.76
CA ILE A 82 8.16 1.87 -0.85
C ILE A 82 7.09 2.02 0.21
N LEU A 83 7.32 3.00 1.06
CA LEU A 83 6.33 3.48 1.97
C LEU A 83 5.44 4.54 1.34
N VAL A 84 4.14 4.37 1.45
CA VAL A 84 3.21 5.43 1.11
C VAL A 84 2.39 5.84 2.35
N HIS A 85 2.38 7.11 2.68
CA HIS A 85 1.69 7.60 3.84
C HIS A 85 0.87 8.82 3.48
N PRO A 86 -0.26 8.99 4.15
CA PRO A 86 -1.07 10.17 3.99
C PRO A 86 -0.50 11.31 4.79
N GLU A 87 -1.02 12.50 4.49
CA GLU A 87 -0.69 13.69 5.23
CA GLU A 87 -0.68 13.70 5.22
C GLU A 87 -1.99 14.21 5.79
N THR A 88 -2.21 14.00 7.10
CA THR A 88 -3.42 14.35 7.78
C THR A 88 -3.16 15.28 8.97
N GLY A 89 -1.91 15.73 9.12
CA GLY A 89 -1.54 16.59 10.24
C GLY A 89 -1.19 15.83 11.51
N ASP A 90 -0.99 14.52 11.40
CA ASP A 90 -0.60 13.70 12.55
C ASP A 90 0.57 12.85 12.14
N ALA A 91 1.76 13.42 12.21
CA ALA A 91 2.92 12.78 11.62
C ALA A 91 3.17 11.37 12.13
N VAL A 92 3.02 11.17 13.43
CA VAL A 92 3.25 9.85 14.00
C VAL A 92 2.26 8.82 13.46
N SER A 93 0.97 9.14 13.54
CA SER A 93 -0.03 8.21 12.99
C SER A 93 0.09 8.07 11.48
N ASP A 94 0.39 9.15 10.76
CA ASP A 94 0.53 9.07 9.31
C ASP A 94 1.60 8.04 8.90
N HIS A 95 2.72 8.03 9.58
CA HIS A 95 3.78 7.08 9.25
C HIS A 95 3.57 5.68 9.86
N ALA A 96 3.08 5.61 11.09
CA ALA A 96 3.03 4.35 11.79
C ALA A 96 1.76 3.51 11.60
N VAL A 97 0.62 4.18 11.43
CA VAL A 97 -0.68 3.55 11.51
C VAL A 97 -1.40 3.63 10.16
N TYR A 98 -1.31 4.79 9.50
CA TYR A 98 -2.13 5.06 8.35
C TYR A 98 -1.41 4.75 7.07
N SER A 99 -0.23 4.17 7.12
CA SER A 99 0.58 4.02 5.94
C SER A 99 0.35 2.66 5.29
N LEU A 100 0.94 2.46 4.13
CA LEU A 100 1.01 1.16 3.48
C LEU A 100 2.40 0.97 2.92
N TRP A 101 2.70 -0.29 2.57
CA TRP A 101 4.00 -0.66 2.07
C TRP A 101 3.86 -1.47 0.81
N LEU A 102 4.71 -1.13 -0.16
CA LEU A 102 4.95 -1.93 -1.34
CA LEU A 102 4.95 -1.94 -1.34
C LEU A 102 6.31 -2.60 -1.12
N GLY A 103 6.39 -3.90 -1.36
CA GLY A 103 7.61 -4.66 -1.11
C GLY A 103 7.63 -5.07 0.34
N ALA A 104 8.79 -4.99 0.96
CA ALA A 104 8.92 -5.49 2.30
C ALA A 104 9.13 -4.28 3.22
N ALA A 105 8.33 -4.18 4.27
CA ALA A 105 8.36 -3.00 5.13
C ALA A 105 9.70 -2.89 5.83
N LEU A 106 10.10 -1.64 6.00
CA LEU A 106 11.23 -1.30 6.84
C LEU A 106 10.76 -0.76 8.17
N ALA A 107 11.67 -0.74 9.12
CA ALA A 107 11.37 -0.29 10.46
C ALA A 107 11.73 1.19 10.60
N LEU A 108 10.69 2.02 10.66
CA LEU A 108 10.85 3.47 10.78
CA LEU A 108 10.92 3.46 10.78
C LEU A 108 11.11 3.87 12.24
N ASN A 109 11.90 4.95 12.41
CA ASN A 109 12.06 5.54 13.71
C ASN A 109 10.88 6.50 13.97
N ILE A 110 9.84 5.95 14.57
CA ILE A 110 8.66 6.73 14.92
C ILE A 110 8.91 7.69 16.09
N GLU A 111 9.74 7.30 17.04
CA GLU A 111 10.06 8.16 18.12
C GLU A 111 10.67 9.47 17.64
N PHE A 112 11.39 9.42 16.53
CA PHE A 112 11.96 10.64 15.94
C PHE A 112 10.85 11.65 15.65
N LEU A 113 9.74 11.14 15.13
CA LEU A 113 8.59 11.96 14.84
C LEU A 113 7.88 12.41 16.13
N ARG A 114 7.73 11.53 17.12
CA ARG A 114 7.14 11.96 18.38
C ARG A 114 7.93 13.12 18.98
N GLN A 115 9.26 12.99 19.00
CA GLN A 115 10.16 14.04 19.51
C GLN A 115 9.92 15.39 18.82
N LEU A 116 9.58 15.37 17.54
CA LEU A 116 9.23 16.63 16.83
C LEU A 116 8.11 17.40 17.57
N SER A 117 7.33 16.71 18.42
CA SER A 117 6.61 17.36 19.55
C SER A 117 6.48 16.45 20.78
N LYS B 3 8.31 -0.27 -18.77
CA LYS B 3 7.17 -0.15 -17.79
C LYS B 3 5.91 -0.86 -18.32
N GLU B 4 5.15 -1.55 -17.47
CA GLU B 4 3.80 -1.89 -17.95
C GLU B 4 2.79 -0.83 -17.50
N ASP B 5 1.74 -0.82 -18.32
CA ASP B 5 0.67 0.10 -18.29
C ASP B 5 -0.31 -0.29 -17.20
N THR B 6 -0.62 0.66 -16.33
CA THR B 6 -1.67 0.45 -15.33
C THR B 6 -3.06 0.23 -15.97
N ILE B 7 -3.23 0.49 -17.26
CA ILE B 7 -4.47 0.10 -17.91
C ILE B 7 -4.71 -1.39 -17.70
N GLU B 8 -3.62 -2.17 -17.62
CA GLU B 8 -3.73 -3.60 -17.49
C GLU B 8 -4.30 -4.04 -16.15
N ILE B 9 -4.60 -3.09 -15.25
CA ILE B 9 -5.31 -3.40 -14.02
C ILE B 9 -6.82 -3.33 -14.22
N ALA B 10 -7.50 -4.47 -14.11
CA ALA B 10 -8.95 -4.54 -14.35
C ALA B 10 -9.78 -4.28 -13.12
N GLY B 11 -9.14 -4.35 -11.96
CA GLY B 11 -9.83 -4.24 -10.72
C GLY B 11 -8.82 -4.53 -9.63
N PHE B 12 -9.28 -4.45 -8.40
CA PHE B 12 -8.49 -4.83 -7.24
C PHE B 12 -9.26 -5.74 -6.30
N HIS B 13 -8.54 -6.49 -5.47
CA HIS B 13 -9.12 -7.18 -4.30
C HIS B 13 -8.42 -6.69 -3.05
N ALA B 14 -9.17 -6.45 -1.99
CA ALA B 14 -8.59 -6.37 -0.66
C ALA B 14 -8.96 -7.66 0.08
N HIS B 15 -8.00 -8.23 0.80
CA HIS B 15 -8.19 -9.40 1.62
C HIS B 15 -7.92 -8.95 3.03
N VAL B 16 -9.00 -8.94 3.81
CA VAL B 16 -8.96 -8.46 5.18
C VAL B 16 -8.80 -9.68 6.03
N TYR B 17 -7.66 -9.77 6.68
CA TYR B 17 -7.30 -10.93 7.50
C TYR B 17 -7.72 -10.70 8.92
N PHE B 18 -8.08 -11.79 9.61
CA PHE B 18 -8.43 -11.67 11.00
C PHE B 18 -8.12 -12.95 11.74
N ASP B 19 -8.24 -12.84 13.04
CA ASP B 19 -8.21 -14.02 13.91
C ASP B 19 -9.38 -13.94 14.88
N ALA B 20 -9.46 -14.93 15.77
CA ALA B 20 -10.49 -14.91 16.81
C ALA B 20 -10.55 -13.60 17.56
N ALA B 21 -9.39 -13.05 17.90
CA ALA B 21 -9.34 -11.83 18.66
C ALA B 21 -9.77 -10.59 17.87
N SER B 22 -9.66 -10.62 16.53
CA SER B 22 -9.96 -9.44 15.74
C SER B 22 -11.20 -9.62 14.85
N ARG B 23 -11.90 -10.75 14.97
CA ARG B 23 -13.03 -11.04 14.08
C ARG B 23 -14.09 -9.95 14.13
N ASP B 24 -14.39 -9.45 15.32
CA ASP B 24 -15.41 -8.42 15.50
C ASP B 24 -15.00 -7.12 14.86
N VAL B 25 -13.76 -6.69 15.07
CA VAL B 25 -13.20 -5.56 14.33
C VAL B 25 -13.36 -5.74 12.80
N ALA B 26 -13.02 -6.92 12.33
CA ALA B 26 -13.10 -7.21 10.90
C ALA B 26 -14.54 -7.07 10.40
N ALA B 27 -15.50 -7.51 11.22
CA ALA B 27 -16.93 -7.40 10.85
C ALA B 27 -17.35 -5.94 10.73
N ARG B 28 -16.82 -5.09 11.60
CA ARG B 28 -17.16 -3.67 11.58
C ARG B 28 -16.53 -3.01 10.37
N VAL B 29 -15.29 -3.40 10.03
CA VAL B 29 -14.65 -2.85 8.86
C VAL B 29 -15.42 -3.26 7.61
N ARG B 30 -15.90 -4.49 7.60
CA ARG B 30 -16.68 -4.99 6.47
C ARG B 30 -17.96 -4.18 6.27
N GLU B 31 -18.65 -3.87 7.35
CA GLU B 31 -19.85 -3.08 7.28
C GLU B 31 -19.55 -1.68 6.78
N GLY B 32 -18.42 -1.12 7.22
CA GLY B 32 -18.00 0.16 6.76
C GLY B 32 -17.81 0.21 5.26
N LEU B 33 -17.14 -0.80 4.73
CA LEU B 33 -16.88 -0.90 3.30
C LEU B 33 -18.18 -1.01 2.52
N GLY B 34 -19.05 -1.93 2.94
CA GLY B 34 -20.28 -2.18 2.23
C GLY B 34 -21.24 -1.01 2.28
N ALA B 35 -21.14 -0.17 3.32
CA ALA B 35 -22.02 1.00 3.48
C ALA B 35 -21.58 2.14 2.57
N ARG B 36 -20.28 2.20 2.27
CA ARG B 36 -19.65 3.39 1.69
C ARG B 36 -19.22 3.31 0.24
N PHE B 37 -18.81 2.14 -0.21
CA PHE B 37 -18.07 2.02 -1.48
C PHE B 37 -18.76 1.05 -2.42
N GLU B 38 -18.38 1.14 -3.69
CA GLU B 38 -18.86 0.22 -4.72
C GLU B 38 -17.95 -1.00 -4.71
N VAL B 39 -18.36 -1.98 -3.93
CA VAL B 39 -17.55 -3.16 -3.74
C VAL B 39 -18.40 -4.41 -3.86
N GLN B 40 -17.74 -5.54 -4.15
CA GLN B 40 -18.41 -6.84 -4.02
C GLN B 40 -17.75 -7.58 -2.88
N LEU B 41 -18.52 -7.88 -1.84
CA LEU B 41 -18.00 -8.54 -0.67
C LEU B 41 -18.08 -10.04 -0.86
N GLY B 42 -16.96 -10.72 -0.71
CA GLY B 42 -16.95 -12.19 -0.85
C GLY B 42 -17.31 -12.87 0.44
N ARG B 43 -17.28 -14.18 0.43
CA ARG B 43 -17.67 -14.87 1.65
C ARG B 43 -16.60 -14.81 2.72
N TRP B 44 -17.07 -14.99 3.93
CA TRP B 44 -16.23 -14.95 5.09
C TRP B 44 -15.58 -16.34 5.23
N PHE B 45 -14.25 -16.42 5.23
CA PHE B 45 -13.54 -17.69 5.48
C PHE B 45 -12.89 -17.66 6.85
N ASP B 46 -13.40 -18.48 7.77
CA ASP B 46 -12.83 -18.53 9.10
C ASP B 46 -11.54 -19.36 9.16
N LYS B 47 -11.23 -20.08 8.09
CA LYS B 47 -10.01 -20.88 8.04
C LYS B 47 -9.16 -20.43 6.87
N PRO B 48 -7.84 -20.67 6.93
CA PRO B 48 -7.04 -20.38 5.73
C PRO B 48 -7.57 -21.16 4.55
N ILE B 49 -7.52 -20.55 3.37
CA ILE B 49 -7.87 -21.20 2.11
C ILE B 49 -7.00 -20.66 0.98
N GLY B 50 -6.64 -21.54 0.05
CA GLY B 50 -5.79 -21.18 -1.08
C GLY B 50 -4.52 -20.50 -0.64
N PRO B 51 -4.23 -19.29 -1.16
CA PRO B 51 -2.96 -18.69 -0.75
C PRO B 51 -3.02 -18.02 0.62
N HIS B 52 -4.22 -17.98 1.22
CA HIS B 52 -4.48 -17.14 2.39
C HIS B 52 -4.09 -17.83 3.67
N PRO B 53 -3.20 -17.19 4.46
CA PRO B 53 -2.58 -17.81 5.63
C PRO B 53 -3.46 -17.86 6.88
N LYS B 54 -4.48 -17.01 6.92
CA LYS B 54 -5.42 -16.89 8.03
C LYS B 54 -6.81 -16.72 7.48
N GLY B 55 -7.78 -16.70 8.39
CA GLY B 55 -9.14 -16.33 7.99
C GLY B 55 -9.14 -14.94 7.35
N TYR B 57 -11.85 -12.22 4.50
CA TYR B 57 -12.84 -12.04 3.46
C TYR B 57 -12.27 -11.14 2.37
N GLN B 58 -12.86 -11.25 1.21
CA GLN B 58 -12.50 -10.54 0.00
C GLN B 58 -13.38 -9.35 -0.21
N VAL B 59 -12.78 -8.25 -0.66
CA VAL B 59 -13.50 -7.08 -1.07
C VAL B 59 -13.02 -6.78 -2.50
N ALA B 60 -13.90 -6.87 -3.48
CA ALA B 60 -13.52 -6.59 -4.87
C ALA B 60 -14.07 -5.27 -5.35
N PHE B 61 -13.30 -4.56 -6.16
CA PHE B 61 -13.75 -3.29 -6.70
C PHE B 61 -13.05 -2.97 -8.00
N LEU B 62 -13.73 -2.16 -8.78
CA LEU B 62 -13.17 -1.65 -10.01
C LEU B 62 -12.13 -0.58 -9.71
N PRO B 63 -11.26 -0.29 -10.71
CA PRO B 63 -10.17 0.67 -10.45
C PRO B 63 -10.62 2.04 -9.94
N ASN B 64 -11.81 2.50 -10.33
CA ASN B 64 -12.35 3.81 -9.89
C ASN B 64 -12.70 3.92 -8.39
N GLN B 65 -12.66 2.81 -7.67
CA GLN B 65 -12.79 2.83 -6.20
C GLN B 65 -11.46 2.75 -5.45
N PHE B 66 -10.35 2.60 -6.14
CA PHE B 66 -9.08 2.39 -5.46
C PHE B 66 -8.76 3.55 -4.51
N ASP B 67 -8.98 4.79 -4.97
CA ASP B 67 -8.67 5.99 -4.15
C ASP B 67 -9.77 6.34 -3.16
N LYS B 68 -10.82 5.50 -3.10
CA LYS B 68 -11.91 5.62 -2.11
C LYS B 68 -11.71 4.57 -1.00
N VAL B 69 -11.68 3.31 -1.43
CA VAL B 69 -11.53 2.19 -0.51
C VAL B 69 -10.18 2.16 0.20
N VAL B 70 -9.10 2.29 -0.55
CA VAL B 70 -7.80 2.07 0.06
C VAL B 70 -7.45 3.14 1.08
N PRO B 71 -7.59 4.43 0.72
CA PRO B 71 -7.44 5.50 1.78
C PRO B 71 -8.36 5.36 3.00
N TRP B 72 -9.61 4.90 2.81
CA TRP B 72 -10.51 4.62 3.92
C TRP B 72 -9.93 3.54 4.82
N LEU B 73 -9.44 2.45 4.21
CA LEU B 73 -8.83 1.38 4.99
C LEU B 73 -7.53 1.77 5.65
N LEU B 75 -7.04 4.46 7.06
CA LEU B 75 -7.42 5.14 8.28
C LEU B 75 -8.29 4.31 9.22
N ASN B 76 -9.02 3.33 8.70
CA ASN B 76 -10.09 2.70 9.48
C ASN B 76 -9.94 1.21 9.68
N ARG B 77 -8.80 0.65 9.30
CA ARG B 77 -8.60 -0.80 9.43
C ARG B 77 -8.42 -1.31 10.85
N GLU B 78 -8.27 -0.41 11.82
CA GLU B 78 -8.23 -0.77 13.24
C GLU B 78 -7.30 -1.94 13.50
N GLY B 79 -6.09 -1.86 12.97
CA GLY B 79 -5.05 -2.81 13.27
C GLY B 79 -5.05 -4.05 12.45
N LEU B 80 -6.01 -4.21 11.53
CA LEU B 80 -6.08 -5.41 10.73
C LEU B 80 -5.03 -5.43 9.62
N ASP B 81 -4.49 -6.61 9.35
CA ASP B 81 -3.56 -6.77 8.23
C ASP B 81 -4.39 -7.00 6.97
N ILE B 82 -4.13 -6.19 5.93
CA ILE B 82 -4.93 -6.22 4.71
C ILE B 82 -3.99 -6.23 3.53
N LEU B 83 -4.18 -7.23 2.67
CA LEU B 83 -3.56 -7.33 1.38
C LEU B 83 -4.43 -6.70 0.30
N VAL B 84 -3.83 -5.87 -0.51
CA VAL B 84 -4.56 -5.33 -1.67
C VAL B 84 -3.76 -5.68 -2.90
N HIS B 85 -4.41 -6.27 -3.89
CA HIS B 85 -3.69 -6.65 -5.11
C HIS B 85 -4.50 -6.31 -6.34
N PRO B 86 -3.81 -5.97 -7.41
CA PRO B 86 -4.51 -5.76 -8.66
C PRO B 86 -4.94 -7.09 -9.27
N GLU B 87 -5.81 -6.99 -10.25
CA GLU B 87 -6.22 -8.12 -11.06
CA GLU B 87 -6.23 -8.12 -11.06
C GLU B 87 -5.82 -7.81 -12.50
N THR B 88 -4.75 -8.45 -12.96
CA THR B 88 -4.12 -8.18 -14.24
C THR B 88 -4.06 -9.43 -15.10
N GLY B 89 -4.64 -10.54 -14.64
CA GLY B 89 -4.53 -11.79 -15.35
C GLY B 89 -3.28 -12.57 -15.08
N ASP B 90 -2.56 -12.28 -13.99
CA ASP B 90 -1.36 -13.06 -13.60
C ASP B 90 -1.48 -13.23 -12.10
N ALA B 91 -2.15 -14.30 -11.65
CA ALA B 91 -2.43 -14.48 -10.21
C ALA B 91 -1.18 -14.42 -9.35
N VAL B 92 -0.13 -15.11 -9.77
CA VAL B 92 1.05 -15.21 -8.92
C VAL B 92 1.69 -13.83 -8.70
N SER B 93 1.95 -13.11 -9.79
CA SER B 93 2.51 -11.75 -9.67
C SER B 93 1.58 -10.77 -8.99
N ASP B 94 0.28 -10.89 -9.28
CA ASP B 94 -0.74 -10.05 -8.67
C ASP B 94 -0.64 -10.14 -7.16
N HIS B 95 -0.49 -11.36 -6.65
CA HIS B 95 -0.40 -11.54 -5.21
C HIS B 95 0.96 -11.29 -4.60
N ALA B 96 2.01 -11.65 -5.30
CA ALA B 96 3.36 -11.73 -4.71
C ALA B 96 4.23 -10.52 -5.03
N VAL B 97 3.97 -9.87 -6.15
CA VAL B 97 4.84 -8.80 -6.67
C VAL B 97 4.06 -7.47 -6.72
N TYR B 98 2.85 -7.49 -7.26
CA TYR B 98 2.09 -6.26 -7.52
C TYR B 98 1.19 -5.76 -6.43
N SER B 99 1.32 -6.36 -5.25
CA SER B 99 0.42 -6.06 -4.17
C SER B 99 0.99 -5.04 -3.20
N LEU B 100 0.13 -4.58 -2.32
CA LEU B 100 0.56 -3.80 -1.17
C LEU B 100 -0.08 -4.34 0.09
N TRP B 101 0.46 -3.92 1.22
CA TRP B 101 -0.02 -4.32 2.52
C TRP B 101 -0.32 -3.14 3.41
N LEU B 102 -1.47 -3.19 4.06
CA LEU B 102 -1.76 -2.31 5.19
CA LEU B 102 -1.74 -2.32 5.20
C LEU B 102 -1.55 -3.18 6.43
N GLY B 103 -0.91 -2.63 7.45
CA GLY B 103 -0.59 -3.38 8.63
C GLY B 103 0.73 -4.09 8.46
N ALA B 104 0.80 -5.33 8.94
CA ALA B 104 2.02 -6.10 8.83
C ALA B 104 1.80 -7.24 7.84
N ALA B 105 2.62 -7.30 6.79
CA ALA B 105 2.45 -8.35 5.80
C ALA B 105 2.57 -9.72 6.45
N LEU B 106 1.73 -10.61 5.96
CA LEU B 106 1.72 -12.02 6.27
C LEU B 106 2.27 -12.78 5.07
N ALA B 107 3.00 -13.86 5.35
CA ALA B 107 3.50 -14.74 4.31
C ALA B 107 2.27 -15.40 3.69
N LEU B 108 2.25 -15.45 2.36
CA LEU B 108 1.15 -16.07 1.63
C LEU B 108 1.62 -17.40 1.06
N ASN B 109 0.68 -18.32 0.83
CA ASN B 109 0.97 -19.59 0.21
C ASN B 109 0.85 -19.42 -1.31
N ILE B 110 1.85 -18.72 -1.86
CA ILE B 110 1.94 -18.46 -3.29
C ILE B 110 2.05 -19.74 -4.09
N GLU B 111 2.64 -20.79 -3.51
CA GLU B 111 2.71 -22.08 -4.19
C GLU B 111 1.33 -22.62 -4.58
N PHE B 112 0.32 -22.35 -3.76
CA PHE B 112 -1.01 -22.72 -4.10
C PHE B 112 -1.39 -22.11 -5.46
N LEU B 113 -1.06 -20.84 -5.65
CA LEU B 113 -1.34 -20.15 -6.92
C LEU B 113 -0.47 -20.65 -8.08
N ARG B 114 0.79 -20.93 -7.79
CA ARG B 114 1.68 -21.48 -8.80
C ARG B 114 1.18 -22.83 -9.27
N GLN B 115 0.70 -23.64 -8.34
CA GLN B 115 0.18 -24.97 -8.68
C GLN B 115 -1.09 -24.89 -9.55
N LEU B 116 -1.84 -23.80 -9.46
CA LEU B 116 -3.00 -23.62 -10.32
C LEU B 116 -2.61 -23.29 -11.77
N SER B 117 -1.47 -22.63 -11.96
CA SER B 117 -1.04 -22.23 -13.31
C SER B 117 -0.26 -23.34 -14.00
#